data_3UXH
#
_entry.id   3UXH
#
_cell.length_a   56.455
_cell.length_b   84.064
_cell.length_c   106.663
_cell.angle_alpha   90.000
_cell.angle_beta   90.000
_cell.angle_gamma   90.000
#
_symmetry.space_group_name_H-M   'P 21 21 21'
#
loop_
_entity.id
_entity.type
_entity.pdbx_description
1 polymer 'Ribosyldihydronicotinamide dehydrogenase [quinone]'
2 non-polymer 'ZINC ION'
3 non-polymer 'FLAVIN-ADENINE DINUCLEOTIDE'
4 non-polymer 6,8-diamino-7-chloro-1-methyl-2-oxo-1,2-dihydropyrrolo[4,3,2-de]quinoline-4-carboxamide
5 water water
#
_entity_poly.entity_id   1
_entity_poly.type   'polypeptide(L)'
_entity_poly.pdbx_seq_one_letter_code
;AGKKVLIVYAHQEPKSFNGSLKNVAVDELSRQGCTVTVSDLYAMNFEPRATDKDITGTLSNPEVFNYGVETHEAYKQRSL
ASDITDEQKKVREADLVIFQFPLYWFSVPAILKGWMDRVLCQGFAFDIPGFYDSGLLQGKLALLSVTTGGTAEMYTKTGV
NGDSRYFLWPLQHGTLHFCGFKVLAPQISFAPEIASEEERKGMVAAWSQRLQTIWKEEPIPCTAHWHFGQ
;
_entity_poly.pdbx_strand_id   A,B
#
# COMPACT_ATOMS: atom_id res chain seq x y z
N ALA A 1 31.81 4.85 -0.93
CA ALA A 1 31.24 6.15 -1.41
C ALA A 1 32.29 7.29 -1.50
N GLY A 2 32.22 8.31 -2.40
CA GLY A 2 31.79 8.37 -3.85
C GLY A 2 30.40 7.95 -4.27
N LYS A 3 29.50 7.90 -3.31
CA LYS A 3 28.18 7.40 -3.62
C LYS A 3 27.14 8.30 -2.98
N LYS A 4 25.98 8.43 -3.60
CA LYS A 4 24.90 9.22 -3.04
C LYS A 4 23.78 8.32 -2.57
N VAL A 5 23.25 8.61 -1.41
CA VAL A 5 22.16 7.80 -0.87
C VAL A 5 20.96 8.72 -0.57
N LEU A 6 19.76 8.27 -0.90
CA LEU A 6 18.51 8.89 -0.42
C LEU A 6 17.83 7.96 0.54
N ILE A 7 17.49 8.48 1.73
CA ILE A 7 16.68 7.73 2.71
C ILE A 7 15.26 8.30 2.65
N VAL A 8 14.29 7.47 2.26
CA VAL A 8 12.88 7.93 2.29
C VAL A 8 12.28 7.35 3.55
N TYR A 9 11.94 8.23 4.51
CA TYR A 9 11.64 7.86 5.89
C TYR A 9 10.22 8.20 6.20
N ALA A 10 9.51 7.22 6.76
CA ALA A 10 8.06 7.38 7.10
C ALA A 10 7.73 6.98 8.51
N HIS A 11 8.07 7.87 9.46
CA HIS A 11 7.60 7.71 10.83
C HIS A 11 7.34 9.07 11.45
N GLN A 12 6.28 9.12 12.23
CA GLN A 12 5.89 10.35 12.89
C GLN A 12 6.76 10.87 14.02
N GLU A 13 7.53 9.99 14.62
CA GLU A 13 8.13 10.27 15.94
C GLU A 13 9.67 10.14 15.82
N PRO A 14 10.38 11.28 15.96
CA PRO A 14 11.85 11.22 15.87
C PRO A 14 12.53 10.30 16.91
N LYS A 15 11.86 10.15 18.07
CA LYS A 15 12.32 9.29 19.16
C LYS A 15 12.01 7.77 18.97
N SER A 16 11.31 7.42 17.88
CA SER A 16 10.92 6.02 17.67
C SER A 16 12.09 5.16 17.30
N PHE A 17 11.89 3.84 17.33
CA PHE A 17 12.87 2.83 16.84
C PHE A 17 13.15 3.11 15.34
N ASN A 18 12.11 3.39 14.52
CA ASN A 18 12.37 3.79 13.13
C ASN A 18 13.24 5.03 13.06
N GLY A 19 13.02 6.01 13.92
CA GLY A 19 13.85 7.25 13.94
C GLY A 19 15.28 6.89 14.27
N SER A 20 15.48 5.94 15.20
CA SER A 20 16.85 5.55 15.56
C SER A 20 17.51 4.81 14.38
N LEU A 21 16.77 4.00 13.59
CA LEU A 21 17.35 3.26 12.48
C LEU A 21 17.69 4.30 11.39
N LYS A 22 16.82 5.29 11.22
CA LYS A 22 17.13 6.32 10.15
C LYS A 22 18.38 7.08 10.61
N ASN A 23 18.45 7.49 11.90
CA ASN A 23 19.60 8.33 12.33
C ASN A 23 20.87 7.57 12.28
N VAL A 24 20.86 6.26 12.60
CA VAL A 24 22.16 5.54 12.51
C VAL A 24 22.60 5.33 11.06
N ALA A 25 21.65 5.29 10.15
CA ALA A 25 21.94 5.14 8.75
C ALA A 25 22.59 6.46 8.25
N VAL A 26 21.99 7.58 8.66
CA VAL A 26 22.62 8.88 8.32
C VAL A 26 24.02 8.93 8.94
N ASP A 27 24.16 8.60 10.25
CA ASP A 27 25.46 8.70 10.94
C ASP A 27 26.54 7.83 10.19
N GLU A 28 26.19 6.56 9.85
CA GLU A 28 27.19 5.62 9.35
C GLU A 28 27.56 5.95 7.88
N LEU A 29 26.52 6.25 7.08
CA LEU A 29 26.80 6.57 5.65
C LEU A 29 27.53 7.94 5.60
N SER A 30 27.19 8.87 6.55
CA SER A 30 27.96 10.17 6.58
C SER A 30 29.44 9.92 6.92
N ARG A 31 29.67 9.06 7.92
CA ARG A 31 31.00 8.68 8.34
C ARG A 31 31.83 8.08 7.22
N GLN A 32 31.17 7.30 6.33
CA GLN A 32 31.90 6.67 5.26
C GLN A 32 32.28 7.70 4.16
N GLY A 33 31.70 8.87 4.26
CA GLY A 33 31.98 9.98 3.23
C GLY A 33 30.91 10.00 2.16
N CYS A 34 29.81 9.25 2.33
CA CYS A 34 28.75 9.22 1.28
C CYS A 34 27.99 10.54 1.35
N THR A 35 27.37 10.87 0.24
CA THR A 35 26.42 12.05 0.19
C THR A 35 25.09 11.55 0.58
N VAL A 36 24.46 12.13 1.58
CA VAL A 36 23.22 11.56 2.17
C VAL A 36 22.10 12.62 2.15
N THR A 37 20.93 12.23 1.71
CA THR A 37 19.73 13.14 1.74
C THR A 37 18.64 12.32 2.35
N VAL A 38 17.78 12.94 3.16
CA VAL A 38 16.64 12.23 3.80
C VAL A 38 15.39 12.99 3.41
N SER A 39 14.40 12.22 2.93
CA SER A 39 13.01 12.78 2.74
C SER A 39 12.16 12.30 3.90
N ASP A 40 11.95 13.18 4.89
CA ASP A 40 11.18 12.83 6.06
C ASP A 40 9.73 13.19 5.80
N LEU A 41 9.01 12.17 5.31
CA LEU A 41 7.72 12.44 4.66
C LEU A 41 6.71 13.06 5.64
N TYR A 42 6.63 12.62 6.92
CA TYR A 42 5.65 13.28 7.76
C TYR A 42 6.03 14.72 8.08
N ALA A 43 7.31 15.00 8.24
CA ALA A 43 7.75 16.36 8.55
C ALA A 43 7.56 17.27 7.37
N MET A 44 7.60 16.69 6.17
CA MET A 44 7.33 17.45 4.91
C MET A 44 5.83 17.61 4.65
N ASN A 45 5.02 16.93 5.49
CA ASN A 45 3.56 16.85 5.25
C ASN A 45 3.34 16.40 3.80
N PHE A 46 4.07 15.37 3.41
CA PHE A 46 4.06 14.95 1.99
C PHE A 46 2.67 14.56 1.56
N GLU A 47 2.24 15.09 0.40
CA GLU A 47 0.88 14.77 -0.13
C GLU A 47 0.81 13.36 -0.72
N PRO A 48 -0.06 12.48 -0.17
CA PRO A 48 -0.12 11.11 -0.67
C PRO A 48 -1.13 10.95 -1.80
N ARG A 49 -2.08 11.86 -1.98
CA ARG A 49 -3.21 11.56 -2.90
C ARG A 49 -2.74 11.84 -4.32
N ALA A 50 -3.07 10.92 -5.26
CA ALA A 50 -2.77 11.18 -6.71
C ALA A 50 -3.93 12.00 -7.30
N THR A 51 -3.75 13.33 -7.53
CA THR A 51 -4.87 14.14 -8.02
C THR A 51 -4.40 15.07 -9.13
N ASP A 52 -5.40 15.76 -9.71
CA ASP A 52 -5.09 16.71 -10.79
C ASP A 52 -4.27 17.90 -10.32
N LYS A 53 -4.07 18.07 -9.00
CA LYS A 53 -3.19 19.13 -8.53
C LYS A 53 -1.75 18.79 -8.80
N ASP A 54 -1.48 17.57 -9.24
CA ASP A 54 -0.09 17.13 -9.44
C ASP A 54 0.40 17.63 -10.83
N ILE A 55 -0.50 18.18 -11.62
CA ILE A 55 -0.15 18.82 -12.92
C ILE A 55 -0.37 20.29 -12.77
N THR A 56 0.68 21.06 -13.07
CA THR A 56 0.55 22.51 -13.05
C THR A 56 0.11 22.99 -14.43
N GLY A 57 -0.52 24.16 -14.47
CA GLY A 57 -0.90 24.73 -15.74
C GLY A 57 -2.10 23.95 -16.22
N THR A 58 -2.26 23.87 -17.54
CA THR A 58 -3.52 23.32 -18.05
C THR A 58 -3.42 21.80 -18.35
N LEU A 59 -4.50 21.08 -18.02
CA LEU A 59 -4.56 19.62 -18.26
C LEU A 59 -4.56 19.19 -19.74
N SER A 60 -4.04 18.00 -19.97
CA SER A 60 -3.93 17.41 -21.30
C SER A 60 -5.26 16.90 -21.87
N ASN A 61 -6.23 16.64 -20.99
CA ASN A 61 -7.66 16.35 -21.30
C ASN A 61 -8.53 16.75 -20.12
N PRO A 62 -8.98 18.02 -20.10
CA PRO A 62 -9.79 18.43 -18.92
C PRO A 62 -11.20 17.79 -18.79
N GLU A 63 -11.65 17.02 -19.78
CA GLU A 63 -13.00 16.40 -19.78
C GLU A 63 -13.04 15.12 -18.95
N VAL A 64 -11.95 14.37 -19.05
CA VAL A 64 -11.86 13.01 -18.50
C VAL A 64 -10.48 12.91 -17.92
N PHE A 65 -10.37 12.96 -16.60
CA PHE A 65 -9.09 12.98 -16.01
C PHE A 65 -8.50 11.58 -15.87
N ASN A 66 -7.36 11.35 -16.51
CA ASN A 66 -6.64 10.11 -16.42
C ASN A 66 -5.27 10.35 -15.73
N TYR A 67 -5.13 10.03 -14.44
CA TYR A 67 -3.94 10.39 -13.71
C TYR A 67 -2.65 9.91 -14.37
N GLY A 68 -2.64 8.66 -14.84
CA GLY A 68 -1.42 8.09 -15.45
C GLY A 68 -1.01 8.87 -16.73
N VAL A 69 -1.96 9.17 -17.54
CA VAL A 69 -1.63 9.83 -18.81
C VAL A 69 -1.18 11.24 -18.51
N GLU A 70 -1.93 11.93 -17.62
CA GLU A 70 -1.64 13.33 -17.31
C GLU A 70 -0.28 13.52 -16.71
N THR A 71 0.10 12.66 -15.75
CA THR A 71 1.40 12.69 -15.14
C THR A 71 2.51 12.34 -16.11
N HIS A 72 2.26 11.42 -17.03
CA HIS A 72 3.28 11.02 -17.99
C HIS A 72 3.54 12.26 -18.91
N GLU A 73 2.46 12.89 -19.40
CA GLU A 73 2.60 14.04 -20.34
C GLU A 73 3.24 15.20 -19.53
N ALA A 74 2.83 15.38 -18.26
CA ALA A 74 3.38 16.49 -17.45
C ALA A 74 4.86 16.29 -17.21
N TYR A 75 5.28 15.05 -17.06
CA TYR A 75 6.70 14.78 -16.80
C TYR A 75 7.52 15.20 -18.05
N LYS A 76 7.09 14.71 -19.23
CA LYS A 76 7.74 15.01 -20.52
C LYS A 76 7.79 16.51 -20.79
N GLN A 77 6.78 17.25 -20.33
CA GLN A 77 6.68 18.70 -20.59
C GLN A 77 7.06 19.56 -19.38
N ARG A 78 7.73 18.95 -18.41
CA ARG A 78 8.23 19.61 -17.19
C ARG A 78 7.15 20.43 -16.45
N SER A 79 5.99 19.78 -16.21
CA SER A 79 4.82 20.46 -15.78
C SER A 79 4.26 19.73 -14.53
N LEU A 80 5.08 18.92 -13.89
CA LEU A 80 4.65 18.29 -12.57
C LEU A 80 4.77 19.28 -11.41
N ALA A 81 3.97 19.02 -10.38
CA ALA A 81 4.08 19.79 -9.13
C ALA A 81 5.49 19.69 -8.56
N SER A 82 5.94 20.79 -7.91
CA SER A 82 7.31 20.85 -7.52
C SER A 82 7.63 19.87 -6.38
N ASP A 83 6.63 19.46 -5.57
CA ASP A 83 6.94 18.46 -4.55
C ASP A 83 7.36 17.11 -5.18
N ILE A 84 6.73 16.78 -6.29
CA ILE A 84 7.10 15.60 -7.02
C ILE A 84 8.48 15.75 -7.73
N THR A 85 8.69 16.87 -8.43
CA THR A 85 9.98 17.01 -9.12
C THR A 85 11.15 17.11 -8.14
N ASP A 86 10.88 17.69 -6.96
CA ASP A 86 11.97 17.71 -5.99
C ASP A 86 12.35 16.29 -5.61
N GLU A 87 11.36 15.37 -5.41
CA GLU A 87 11.75 13.98 -5.09
C GLU A 87 12.42 13.26 -6.24
N GLN A 88 11.90 13.50 -7.42
CA GLN A 88 12.54 12.92 -8.59
C GLN A 88 13.99 13.30 -8.71
N LYS A 89 14.34 14.54 -8.44
CA LYS A 89 15.77 14.90 -8.51
C LYS A 89 16.57 14.14 -7.49
N LYS A 90 16.02 13.97 -6.27
CA LYS A 90 16.80 13.18 -5.30
C LYS A 90 17.00 11.70 -5.74
N VAL A 91 15.95 11.13 -6.37
CA VAL A 91 16.09 9.76 -6.84
C VAL A 91 17.08 9.65 -7.99
N ARG A 92 17.00 10.62 -8.89
CA ARG A 92 17.80 10.60 -10.15
C ARG A 92 19.28 10.59 -9.69
N GLU A 93 19.59 11.43 -8.67
CA GLU A 93 20.98 11.55 -8.22
C GLU A 93 21.48 10.36 -7.36
N ALA A 94 20.56 9.61 -6.71
CA ALA A 94 20.98 8.64 -5.78
C ALA A 94 21.51 7.37 -6.40
N ASP A 95 22.56 6.81 -5.79
CA ASP A 95 23.03 5.45 -6.15
C ASP A 95 22.25 4.38 -5.41
N LEU A 96 21.75 4.70 -4.22
CA LEU A 96 21.03 3.78 -3.37
C LEU A 96 19.89 4.54 -2.80
N VAL A 97 18.70 3.92 -2.78
CA VAL A 97 17.54 4.48 -2.10
C VAL A 97 17.14 3.48 -1.00
N ILE A 98 17.24 3.92 0.25
CA ILE A 98 16.77 3.20 1.40
C ILE A 98 15.36 3.68 1.79
N PHE A 99 14.44 2.73 2.02
CA PHE A 99 13.12 3.10 2.52
C PHE A 99 13.09 2.65 3.99
N GLN A 100 12.81 3.55 4.94
CA GLN A 100 12.78 3.21 6.38
C GLN A 100 11.36 3.41 6.87
N PHE A 101 10.69 2.36 7.30
CA PHE A 101 9.26 2.51 7.67
C PHE A 101 8.80 1.37 8.52
N PRO A 102 7.77 1.62 9.33
CA PRO A 102 7.02 0.52 10.01
C PRO A 102 6.05 -0.13 9.05
N LEU A 103 5.94 -1.47 9.12
CA LEU A 103 4.96 -2.20 8.29
C LEU A 103 3.53 -1.78 8.75
N TYR A 104 2.74 -1.31 7.77
CA TYR A 104 1.33 -0.99 8.03
C TYR A 104 0.53 -1.87 7.06
N TRP A 105 -0.29 -2.72 7.61
CA TRP A 105 -1.14 -3.66 6.81
C TRP A 105 -0.29 -4.36 5.74
N PHE A 106 0.80 -4.96 6.26
CA PHE A 106 1.69 -5.81 5.31
C PHE A 106 2.25 -4.98 4.16
N SER A 107 2.38 -3.67 4.33
CA SER A 107 2.84 -2.78 3.29
C SER A 107 3.44 -1.52 3.91
N VAL A 108 3.59 -0.51 3.08
CA VAL A 108 4.14 0.78 3.53
C VAL A 108 2.98 1.62 4.09
N PRO A 109 3.28 2.51 5.03
CA PRO A 109 2.28 3.53 5.44
C PRO A 109 1.78 4.29 4.21
N ALA A 110 0.54 4.74 4.28
CA ALA A 110 -0.01 5.44 3.12
C ALA A 110 0.82 6.64 2.67
N ILE A 111 1.42 7.41 3.64
CA ILE A 111 2.21 8.56 3.15
C ILE A 111 3.31 8.11 2.21
N LEU A 112 3.96 6.97 2.55
CA LEU A 112 5.04 6.39 1.70
C LEU A 112 4.43 5.76 0.44
N LYS A 113 3.23 5.14 0.56
CA LYS A 113 2.60 4.61 -0.66
C LYS A 113 2.40 5.78 -1.62
N GLY A 114 2.01 6.92 -1.08
CA GLY A 114 1.75 8.04 -1.96
C GLY A 114 3.03 8.63 -2.61
N TRP A 115 4.14 8.59 -1.88
CA TRP A 115 5.42 8.89 -2.51
C TRP A 115 5.64 7.94 -3.68
N MET A 116 5.48 6.60 -3.51
CA MET A 116 5.69 5.70 -4.70
CA MET A 116 5.62 5.68 -4.68
C MET A 116 4.70 6.09 -5.80
N ASP A 117 3.41 6.29 -5.46
CA ASP A 117 2.40 6.52 -6.53
C ASP A 117 2.71 7.80 -7.36
N ARG A 118 3.11 8.86 -6.65
CA ARG A 118 3.25 10.19 -7.30
C ARG A 118 4.67 10.42 -7.84
N VAL A 119 5.71 9.84 -7.28
CA VAL A 119 7.04 10.23 -7.64
C VAL A 119 7.46 9.29 -8.74
N LEU A 120 7.08 7.99 -8.69
CA LEU A 120 7.60 7.08 -9.71
C LEU A 120 6.67 7.07 -10.95
N CYS A 121 6.64 8.19 -11.73
CA CYS A 121 5.66 8.26 -12.82
C CYS A 121 6.24 7.74 -14.12
N GLN A 122 5.30 7.48 -15.03
CA GLN A 122 5.67 7.10 -16.36
C GLN A 122 6.54 8.20 -17.00
N GLY A 123 7.58 7.78 -17.68
CA GLY A 123 8.49 8.76 -18.33
C GLY A 123 9.70 8.98 -17.45
N PHE A 124 9.52 8.87 -16.12
CA PHE A 124 10.61 9.07 -15.14
C PHE A 124 11.19 7.73 -14.68
N ALA A 125 10.32 6.86 -14.14
CA ALA A 125 10.76 5.64 -13.50
C ALA A 125 10.72 4.43 -14.47
N PHE A 126 9.90 4.54 -15.48
CA PHE A 126 9.69 3.46 -16.46
C PHE A 126 8.98 4.02 -17.69
N ASP A 127 8.98 3.26 -18.80
CA ASP A 127 8.14 3.67 -19.95
C ASP A 127 7.21 2.50 -20.21
N ILE A 128 6.18 2.69 -21.03
CA ILE A 128 5.39 1.52 -21.41
C ILE A 128 5.48 1.42 -22.90
N PRO A 129 6.17 0.37 -23.44
CA PRO A 129 6.99 -0.65 -22.81
C PRO A 129 8.25 0.04 -22.34
N GLY A 130 9.04 -0.61 -21.48
CA GLY A 130 10.21 0.04 -20.84
C GLY A 130 10.17 -0.09 -19.33
N PHE A 131 9.97 -1.33 -18.90
CA PHE A 131 9.87 -1.65 -17.45
C PHE A 131 10.60 -2.92 -17.01
N TYR A 132 10.56 -3.28 -15.71
CA TYR A 132 11.42 -4.34 -15.14
C TYR A 132 12.82 -4.14 -15.63
N ASP A 133 13.44 -5.10 -16.33
CA ASP A 133 14.86 -4.86 -16.65
C ASP A 133 15.03 -3.73 -17.68
N SER A 134 13.95 -3.33 -18.35
CA SER A 134 14.02 -2.15 -19.23
C SER A 134 13.64 -0.85 -18.48
N GLY A 135 13.50 -0.89 -17.14
CA GLY A 135 12.98 0.24 -16.33
C GLY A 135 14.02 1.38 -16.28
N LEU A 136 13.58 2.59 -15.99
CA LEU A 136 14.46 3.76 -16.29
C LEU A 136 15.40 4.02 -15.12
N LEU A 137 15.20 3.33 -13.99
CA LEU A 137 16.06 3.46 -12.80
C LEU A 137 17.12 2.36 -12.71
N GLN A 138 17.39 1.70 -13.85
CA GLN A 138 18.43 0.67 -13.89
C GLN A 138 19.79 1.28 -13.49
N GLY A 139 20.59 0.48 -12.81
CA GLY A 139 21.85 0.99 -12.31
C GLY A 139 21.75 1.44 -10.86
N LYS A 140 20.53 1.71 -10.38
CA LYS A 140 20.39 2.17 -9.01
C LYS A 140 20.06 0.99 -8.13
N LEU A 141 20.38 1.07 -6.85
CA LEU A 141 20.04 0.07 -5.84
C LEU A 141 18.98 0.56 -4.93
N ALA A 142 18.17 -0.35 -4.39
CA ALA A 142 17.12 0.00 -3.40
C ALA A 142 17.15 -1.04 -2.28
N LEU A 143 16.72 -0.65 -1.10
CA LEU A 143 16.72 -1.51 0.10
C LEU A 143 15.53 -1.11 0.98
N LEU A 144 14.71 -2.09 1.37
CA LEU A 144 13.64 -1.88 2.34
C LEU A 144 14.12 -2.14 3.76
N SER A 145 14.04 -1.17 4.66
CA SER A 145 14.33 -1.39 6.06
C SER A 145 12.98 -1.25 6.78
N VAL A 146 12.43 -2.38 7.24
CA VAL A 146 11.07 -2.39 7.73
C VAL A 146 11.11 -2.82 9.16
N THR A 147 10.16 -2.35 10.01
CA THR A 147 9.97 -2.84 11.36
C THR A 147 8.56 -3.40 11.46
N THR A 148 8.38 -4.36 12.34
CA THR A 148 7.05 -5.01 12.42
C THR A 148 6.51 -5.03 13.80
N GLY A 149 5.19 -5.21 13.93
CA GLY A 149 4.61 -5.56 15.18
C GLY A 149 4.72 -7.09 15.43
N GLY A 150 4.49 -7.89 14.37
CA GLY A 150 4.48 -9.36 14.49
C GLY A 150 5.91 -9.87 14.70
N THR A 151 6.01 -11.02 15.40
CA THR A 151 7.33 -11.64 15.63
C THR A 151 7.89 -12.34 14.41
N ALA A 152 9.21 -12.64 14.44
CA ALA A 152 9.79 -13.44 13.34
C ALA A 152 9.07 -14.79 13.19
N GLU A 153 8.70 -15.45 14.30
CA GLU A 153 8.00 -16.77 14.22
C GLU A 153 6.61 -16.64 13.57
N MET A 154 5.96 -15.47 13.75
CA MET A 154 4.67 -15.26 13.11
C MET A 154 4.82 -15.09 11.58
N TYR A 155 5.99 -14.58 11.20
CA TYR A 155 6.38 -14.33 9.80
C TYR A 155 7.18 -15.52 9.21
N THR A 156 6.66 -16.72 9.40
CA THR A 156 7.28 -17.93 8.80
C THR A 156 6.18 -18.56 7.89
N LYS A 157 6.57 -19.48 6.99
CA LYS A 157 5.63 -19.88 5.90
C LYS A 157 4.35 -20.51 6.47
N THR A 158 4.52 -21.13 7.64
CA THR A 158 3.39 -21.69 8.36
C THR A 158 3.05 -20.99 9.70
N GLY A 159 3.51 -19.75 9.89
CA GLY A 159 3.13 -18.95 11.05
C GLY A 159 1.81 -18.26 10.62
N VAL A 160 1.17 -17.55 11.54
CA VAL A 160 -0.12 -16.85 11.19
C VAL A 160 0.03 -15.84 10.02
N ASN A 161 1.17 -15.17 9.95
CA ASN A 161 1.38 -14.12 8.95
C ASN A 161 1.93 -14.54 7.61
N GLY A 162 2.44 -15.81 7.53
CA GLY A 162 3.16 -16.20 6.32
C GLY A 162 4.60 -15.72 6.31
N ASP A 163 5.40 -16.24 5.37
CA ASP A 163 6.82 -15.76 5.27
C ASP A 163 6.86 -14.25 5.04
N SER A 164 7.83 -13.50 5.60
CA SER A 164 7.94 -12.09 5.25
C SER A 164 8.15 -11.85 3.76
N ARG A 165 8.78 -12.82 3.07
CA ARG A 165 8.99 -12.61 1.65
C ARG A 165 7.64 -12.45 0.93
N TYR A 166 6.56 -13.02 1.47
CA TYR A 166 5.28 -12.94 0.79
C TYR A 166 4.80 -11.49 0.76
N PHE A 167 4.94 -10.71 1.84
CA PHE A 167 4.54 -9.28 1.73
C PHE A 167 5.53 -8.41 0.99
N LEU A 168 6.76 -8.85 0.81
CA LEU A 168 7.68 -8.01 0.10
C LEU A 168 7.37 -7.94 -1.37
N TRP A 169 6.67 -8.94 -1.95
CA TRP A 169 6.50 -9.02 -3.40
C TRP A 169 6.05 -7.71 -4.03
N PRO A 170 4.94 -7.11 -3.57
CA PRO A 170 4.48 -5.92 -4.28
C PRO A 170 5.49 -4.78 -4.22
N LEU A 171 6.29 -4.69 -3.14
CA LEU A 171 7.23 -3.57 -2.97
C LEU A 171 8.54 -3.90 -3.77
N GLN A 172 9.10 -5.07 -3.55
CA GLN A 172 10.39 -5.39 -4.19
C GLN A 172 10.20 -5.66 -5.68
N HIS A 173 9.24 -6.52 -6.05
CA HIS A 173 9.05 -6.83 -7.45
C HIS A 173 8.16 -5.82 -8.17
N GLY A 174 6.92 -5.70 -7.64
CA GLY A 174 5.97 -4.85 -8.45
C GLY A 174 6.34 -3.40 -8.54
N THR A 175 7.14 -2.92 -7.55
CA THR A 175 7.54 -1.52 -7.56
C THR A 175 8.99 -1.32 -7.88
N LEU A 176 9.88 -1.82 -7.03
CA LEU A 176 11.35 -1.47 -7.21
C LEU A 176 11.89 -2.12 -8.47
N HIS A 177 11.69 -3.42 -8.60
CA HIS A 177 12.20 -4.12 -9.85
C HIS A 177 11.53 -3.53 -11.11
N PHE A 178 10.24 -3.25 -11.03
CA PHE A 178 9.51 -2.71 -12.24
C PHE A 178 10.15 -1.42 -12.77
N CYS A 179 10.65 -0.61 -11.82
CA CYS A 179 11.38 0.57 -12.17
C CYS A 179 12.82 0.36 -12.54
N GLY A 180 13.33 -0.86 -12.46
CA GLY A 180 14.70 -1.13 -13.01
C GLY A 180 15.66 -1.19 -11.87
N PHE A 181 15.25 -0.87 -10.63
CA PHE A 181 16.17 -1.07 -9.49
C PHE A 181 16.64 -2.47 -9.31
N LYS A 182 17.93 -2.62 -8.95
CA LYS A 182 18.48 -3.81 -8.31
C LYS A 182 18.17 -3.69 -6.81
N VAL A 183 17.70 -4.78 -6.22
CA VAL A 183 17.14 -4.82 -4.89
C VAL A 183 18.07 -5.49 -3.92
N LEU A 184 18.60 -4.77 -2.95
CA LEU A 184 19.33 -5.41 -1.90
C LEU A 184 18.45 -6.15 -0.92
N ALA A 185 19.00 -7.21 -0.27
CA ALA A 185 18.20 -7.94 0.71
C ALA A 185 17.52 -7.03 1.78
N PRO A 186 16.27 -7.28 2.09
CA PRO A 186 15.62 -6.42 3.10
C PRO A 186 16.19 -6.50 4.53
N GLN A 187 16.09 -5.37 5.20
CA GLN A 187 16.44 -5.27 6.58
C GLN A 187 15.15 -5.36 7.36
N ILE A 188 14.94 -6.43 8.11
CA ILE A 188 13.62 -6.54 8.82
C ILE A 188 13.89 -6.64 10.26
N SER A 189 13.46 -5.63 11.01
CA SER A 189 13.64 -5.60 12.43
C SER A 189 12.33 -6.03 13.08
N PHE A 190 12.24 -7.29 13.51
CA PHE A 190 10.97 -7.81 14.03
C PHE A 190 10.66 -7.34 15.44
N ALA A 191 9.40 -6.91 15.63
CA ALA A 191 8.74 -6.66 16.93
C ALA A 191 9.64 -5.88 17.94
N PRO A 192 10.22 -4.75 17.47
CA PRO A 192 11.00 -3.99 18.46
C PRO A 192 10.25 -3.54 19.71
N GLU A 193 8.93 -3.33 19.64
CA GLU A 193 8.22 -2.77 20.81
C GLU A 193 8.16 -3.68 21.99
N ILE A 194 8.24 -4.99 21.75
CA ILE A 194 8.20 -5.93 22.87
C ILE A 194 9.58 -6.56 23.15
N ALA A 195 10.62 -6.06 22.49
CA ALA A 195 12.04 -6.38 22.82
C ALA A 195 12.46 -5.59 24.01
N SER A 196 13.52 -5.97 24.74
CA SER A 196 14.09 -5.09 25.80
C SER A 196 14.91 -3.87 25.29
N GLU A 197 15.38 -3.03 26.24
CA GLU A 197 16.23 -1.84 25.93
C GLU A 197 17.53 -2.25 25.20
N GLU A 198 18.28 -3.20 25.77
CA GLU A 198 19.27 -4.03 25.00
C GLU A 198 18.37 -4.78 24.01
N GLU A 199 18.79 -5.77 23.22
CA GLU A 199 17.91 -6.20 22.09
C GLU A 199 17.57 -5.11 21.04
N ARG A 200 16.85 -4.02 21.43
CA ARG A 200 16.57 -2.87 20.52
C ARG A 200 17.88 -2.18 20.19
N LYS A 201 18.73 -1.98 21.19
CA LYS A 201 20.10 -1.43 20.94
C LYS A 201 20.83 -2.35 19.95
N GLY A 202 20.73 -3.66 20.17
CA GLY A 202 21.30 -4.66 19.29
C GLY A 202 20.87 -4.56 17.85
N MET A 203 19.55 -4.45 17.63
CA MET A 203 19.00 -4.36 16.28
C MET A 203 19.52 -3.12 15.59
N VAL A 204 19.61 -2.03 16.35
CA VAL A 204 20.08 -0.73 15.77
C VAL A 204 21.57 -0.93 15.37
N ALA A 205 22.34 -1.48 16.30
CA ALA A 205 23.73 -1.80 15.99
C ALA A 205 23.92 -2.75 14.81
N ALA A 206 23.08 -3.79 14.68
CA ALA A 206 23.18 -4.69 13.53
C ALA A 206 22.98 -3.97 12.15
N TRP A 207 22.02 -3.04 12.15
CA TRP A 207 21.79 -2.23 10.99
C TRP A 207 23.03 -1.32 10.70
N SER A 208 23.52 -0.61 11.70
CA SER A 208 24.76 0.19 11.52
C SER A 208 25.87 -0.69 10.96
N GLN A 209 26.06 -1.88 11.56
CA GLN A 209 27.11 -2.77 11.10
C GLN A 209 26.92 -3.23 9.67
N ARG A 210 25.68 -3.57 9.32
CA ARG A 210 25.41 -3.94 7.95
C ARG A 210 25.75 -2.78 6.97
N LEU A 211 25.36 -1.58 7.36
CA LEU A 211 25.65 -0.40 6.51
C LEU A 211 27.11 -0.21 6.27
N GLN A 212 27.99 -0.64 7.20
CA GLN A 212 29.46 -0.56 6.96
C GLN A 212 29.87 -1.20 5.66
N THR A 213 29.25 -2.32 5.28
CA THR A 213 29.66 -3.06 4.08
C THR A 213 28.55 -3.14 3.04
N ILE A 214 27.66 -2.17 3.04
CA ILE A 214 26.48 -2.23 2.11
C ILE A 214 26.90 -2.21 0.63
N TRP A 215 27.97 -1.53 0.29
CA TRP A 215 28.41 -1.38 -1.07
C TRP A 215 29.03 -2.65 -1.64
N LYS A 216 29.24 -3.63 -0.76
CA LYS A 216 29.84 -4.89 -1.19
C LYS A 216 28.81 -5.97 -1.40
N GLU A 217 27.55 -5.67 -1.14
CA GLU A 217 26.47 -6.63 -1.37
C GLU A 217 26.06 -6.74 -2.84
N GLU A 218 25.76 -7.94 -3.30
CA GLU A 218 25.10 -8.08 -4.59
C GLU A 218 23.57 -8.05 -4.36
N PRO A 219 22.82 -7.62 -5.39
CA PRO A 219 21.35 -7.67 -5.19
C PRO A 219 20.76 -9.07 -5.19
N ILE A 220 19.56 -9.20 -4.66
CA ILE A 220 18.78 -10.46 -4.77
C ILE A 220 18.33 -10.68 -6.19
N PRO A 221 18.05 -11.97 -6.53
CA PRO A 221 17.38 -12.25 -7.80
C PRO A 221 15.89 -11.95 -7.56
N CYS A 222 15.38 -10.83 -8.06
CA CYS A 222 14.04 -10.38 -7.65
C CYS A 222 13.00 -11.13 -8.51
N THR A 223 12.84 -12.38 -8.14
CA THR A 223 12.06 -13.32 -8.90
C THR A 223 10.91 -13.89 -8.04
N ALA A 224 9.90 -14.49 -8.70
CA ALA A 224 8.88 -15.21 -7.92
C ALA A 224 9.47 -16.36 -7.08
N HIS A 225 10.48 -17.02 -7.63
CA HIS A 225 11.13 -18.12 -6.90
C HIS A 225 11.75 -17.61 -5.60
N TRP A 226 12.44 -16.47 -5.65
CA TRP A 226 13.02 -15.92 -4.42
C TRP A 226 11.93 -15.65 -3.35
N HIS A 227 10.79 -15.07 -3.79
CA HIS A 227 9.76 -14.68 -2.83
C HIS A 227 8.90 -15.85 -2.30
N PHE A 228 8.64 -16.82 -3.18
CA PHE A 228 7.63 -17.81 -2.94
C PHE A 228 8.13 -19.23 -2.99
N GLY A 229 9.33 -19.47 -3.56
CA GLY A 229 9.73 -20.88 -3.89
C GLY A 229 10.72 -21.59 -2.96
N GLN A 230 11.26 -22.71 -3.45
CA GLN A 230 11.98 -23.74 -2.64
C GLN A 230 13.50 -24.03 -2.99
N ALA B 1 -31.77 -10.49 0.48
CA ALA B 1 -30.82 -9.41 0.86
C ALA B 1 -31.51 -8.04 0.77
N GLY B 2 -32.07 -7.47 1.87
CA GLY B 2 -31.96 -7.87 3.31
C GLY B 2 -30.59 -7.57 3.90
N LYS B 3 -29.76 -6.82 3.19
CA LYS B 3 -28.30 -6.74 3.51
C LYS B 3 -27.83 -5.32 3.26
N LYS B 4 -26.79 -4.91 3.96
CA LYS B 4 -26.20 -3.62 3.78
C LYS B 4 -24.84 -3.77 3.14
N VAL B 5 -24.52 -2.96 2.13
CA VAL B 5 -23.23 -3.00 1.44
C VAL B 5 -22.58 -1.62 1.53
N LEU B 6 -21.29 -1.61 1.85
CA LEU B 6 -20.46 -0.36 1.72
C LEU B 6 -19.50 -0.60 0.60
N ILE B 7 -19.42 0.36 -0.31
CA ILE B 7 -18.43 0.35 -1.45
C ILE B 7 -17.42 1.42 -1.10
N VAL B 8 -16.17 1.06 -0.89
CA VAL B 8 -15.08 2.05 -0.65
C VAL B 8 -14.40 2.23 -2.01
N TYR B 9 -14.54 3.41 -2.61
CA TYR B 9 -14.22 3.60 -4.01
C TYR B 9 -13.07 4.58 -4.11
N ALA B 10 -12.05 4.26 -4.92
CA ALA B 10 -10.86 5.10 -5.01
C ALA B 10 -10.50 5.37 -6.43
N HIS B 11 -11.23 6.28 -7.06
CA HIS B 11 -10.86 6.77 -8.41
C HIS B 11 -11.25 8.23 -8.58
N GLN B 12 -10.38 9.00 -9.24
CA GLN B 12 -10.55 10.45 -9.37
C GLN B 12 -11.64 10.87 -10.36
N GLU B 13 -11.95 9.92 -11.27
CA GLU B 13 -12.76 10.32 -12.46
C GLU B 13 -14.06 9.55 -12.57
N PRO B 14 -15.21 10.24 -12.44
CA PRO B 14 -16.50 9.50 -12.42
C PRO B 14 -16.72 8.75 -13.77
N LYS B 15 -16.17 9.28 -14.87
CA LYS B 15 -16.40 8.69 -16.19
C LYS B 15 -15.49 7.50 -16.46
N SER B 16 -14.60 7.20 -15.51
CA SER B 16 -13.68 6.09 -15.71
C SER B 16 -14.30 4.70 -15.70
N PHE B 17 -13.50 3.71 -16.06
CA PHE B 17 -13.88 2.30 -15.99
C PHE B 17 -14.17 1.91 -14.53
N ASN B 18 -13.34 2.35 -13.59
CA ASN B 18 -13.67 2.15 -12.19
C ASN B 18 -15.00 2.74 -11.82
N GLY B 19 -15.22 3.99 -12.25
CA GLY B 19 -16.49 4.63 -12.05
C GLY B 19 -17.66 3.80 -12.57
N SER B 20 -17.50 3.23 -13.75
CA SER B 20 -18.56 2.39 -14.30
C SER B 20 -18.79 1.14 -13.45
N LEU B 21 -17.70 0.51 -12.97
CA LEU B 21 -17.89 -0.70 -12.16
C LEU B 21 -18.54 -0.33 -10.81
N LYS B 22 -18.14 0.81 -10.21
CA LYS B 22 -18.78 1.26 -9.00
C LYS B 22 -20.27 1.51 -9.27
N ASN B 23 -20.59 2.22 -10.35
CA ASN B 23 -22.00 2.51 -10.62
C ASN B 23 -22.83 1.30 -10.89
N VAL B 24 -22.25 0.28 -11.55
CA VAL B 24 -23.07 -0.86 -11.85
C VAL B 24 -23.30 -1.67 -10.59
N ALA B 25 -22.38 -1.63 -9.64
CA ALA B 25 -22.57 -2.29 -8.35
C ALA B 25 -23.69 -1.60 -7.58
N VAL B 26 -23.65 -0.27 -7.55
CA VAL B 26 -24.75 0.43 -6.87
C VAL B 26 -26.07 0.10 -7.55
N ASP B 27 -26.11 0.19 -8.89
CA ASP B 27 -27.35 -0.13 -9.70
C ASP B 27 -27.89 -1.53 -9.37
N GLU B 28 -27.02 -2.57 -9.37
CA GLU B 28 -27.52 -3.90 -9.25
C GLU B 28 -27.84 -4.24 -7.80
N LEU B 29 -27.01 -3.80 -6.86
CA LEU B 29 -27.37 -4.09 -5.47
C LEU B 29 -28.59 -3.28 -5.03
N SER B 30 -28.73 -2.04 -5.55
CA SER B 30 -30.01 -1.32 -5.33
C SER B 30 -31.22 -2.03 -5.87
N ARG B 31 -31.08 -2.56 -7.10
CA ARG B 31 -32.21 -3.22 -7.76
C ARG B 31 -32.65 -4.43 -6.94
N GLN B 32 -31.64 -5.11 -6.33
CA GLN B 32 -31.95 -6.27 -5.45
C GLN B 32 -32.62 -5.88 -4.14
N GLY B 33 -32.68 -4.58 -3.84
CA GLY B 33 -33.35 -4.17 -2.55
C GLY B 33 -32.29 -3.99 -1.44
N CYS B 34 -31.01 -4.12 -1.71
CA CYS B 34 -29.96 -3.98 -0.65
C CYS B 34 -29.82 -2.51 -0.31
N THR B 35 -29.34 -2.28 0.88
CA THR B 35 -29.01 -0.89 1.36
C THR B 35 -27.58 -0.67 0.91
N VAL B 36 -27.30 0.45 0.24
CA VAL B 36 -25.97 0.65 -0.36
C VAL B 36 -25.41 2.05 0.02
N THR B 37 -24.18 2.08 0.50
CA THR B 37 -23.48 3.36 0.86
C THR B 37 -22.17 3.31 0.10
N VAL B 38 -21.71 4.45 -0.42
CA VAL B 38 -20.40 4.56 -1.14
C VAL B 38 -19.58 5.61 -0.40
N SER B 39 -18.35 5.24 -0.06
CA SER B 39 -17.31 6.26 0.38
C SER B 39 -16.42 6.55 -0.81
N ASP B 40 -16.70 7.69 -1.44
CA ASP B 40 -15.90 8.06 -2.65
C ASP B 40 -14.73 8.89 -2.15
N LEU B 41 -13.60 8.18 -1.94
CA LEU B 41 -12.52 8.80 -1.13
C LEU B 41 -11.96 10.08 -1.78
N TYR B 42 -11.78 10.12 -3.12
CA TYR B 42 -11.19 11.35 -3.65
C TYR B 42 -12.20 12.48 -3.56
N ALA B 43 -13.50 12.21 -3.73
CA ALA B 43 -14.47 13.31 -3.65
C ALA B 43 -14.58 13.88 -2.19
N MET B 44 -14.35 12.94 -1.23
CA MET B 44 -14.35 13.30 0.20
C MET B 44 -13.06 14.02 0.63
N ASN B 45 -12.05 14.04 -0.28
CA ASN B 45 -10.70 14.52 0.02
C ASN B 45 -10.17 13.76 1.26
N PHE B 46 -10.45 12.45 1.27
CA PHE B 46 -10.14 11.62 2.43
C PHE B 46 -8.66 11.72 2.84
N GLU B 47 -8.42 12.04 4.12
CA GLU B 47 -7.06 12.17 4.64
C GLU B 47 -6.35 10.81 4.71
N PRO B 48 -5.22 10.62 4.05
CA PRO B 48 -4.58 9.27 4.10
C PRO B 48 -3.50 9.19 5.21
N ARG B 49 -3.04 10.35 5.74
CA ARG B 49 -1.82 10.29 6.61
C ARG B 49 -2.23 9.94 8.03
N ALA B 50 -1.49 9.00 8.58
CA ALA B 50 -1.66 8.63 10.01
C ALA B 50 -0.87 9.61 10.85
N THR B 51 -1.56 10.59 11.49
CA THR B 51 -0.85 11.61 12.24
C THR B 51 -1.55 11.86 13.58
N ASP B 52 -0.83 12.60 14.39
CA ASP B 52 -1.38 12.98 15.71
C ASP B 52 -2.63 13.83 15.62
N LYS B 53 -3.01 14.32 14.43
CA LYS B 53 -4.31 15.04 14.32
C LYS B 53 -5.46 14.05 14.39
N ASP B 54 -5.23 12.74 14.31
CA ASP B 54 -6.30 11.77 14.36
C ASP B 54 -6.81 11.52 15.77
N ILE B 55 -6.12 12.08 16.76
CA ILE B 55 -6.54 11.98 18.18
C ILE B 55 -6.84 13.41 18.68
N THR B 56 -7.99 13.60 19.29
CA THR B 56 -8.34 14.97 19.75
C THR B 56 -8.11 15.08 21.24
N GLY B 57 -8.02 14.00 21.99
CA GLY B 57 -7.85 14.34 23.47
C GLY B 57 -6.40 14.33 23.96
N THR B 58 -6.24 14.18 25.24
CA THR B 58 -4.92 14.14 25.91
C THR B 58 -4.28 12.84 25.44
N LEU B 59 -3.02 12.88 24.97
CA LEU B 59 -2.38 11.64 24.53
C LEU B 59 -1.92 10.83 25.78
N SER B 60 -1.84 9.50 25.64
CA SER B 60 -1.25 8.63 26.69
C SER B 60 0.19 8.94 26.94
N ASN B 61 0.93 9.20 25.87
CA ASN B 61 2.29 9.63 26.01
C ASN B 61 2.60 10.80 25.09
N PRO B 62 2.44 12.03 25.57
CA PRO B 62 2.63 13.20 24.73
C PRO B 62 4.15 13.45 24.41
N GLU B 63 5.05 12.68 25.01
CA GLU B 63 6.50 12.83 24.80
C GLU B 63 7.05 11.99 23.61
N VAL B 64 6.43 10.83 23.39
CA VAL B 64 6.89 9.92 22.35
C VAL B 64 5.61 9.40 21.73
N PHE B 65 5.33 9.84 20.51
CA PHE B 65 4.07 9.57 19.86
C PHE B 65 4.10 8.19 19.19
N ASN B 66 3.16 7.35 19.56
CA ASN B 66 3.02 6.01 19.00
C ASN B 66 1.64 5.92 18.42
N TYR B 67 1.53 5.93 17.09
CA TYR B 67 0.23 6.01 16.45
C TYR B 67 -0.70 4.89 16.83
N GLY B 68 -0.15 3.66 16.83
CA GLY B 68 -1.02 2.50 17.24
C GLY B 68 -1.54 2.62 18.68
N VAL B 69 -0.68 2.97 19.58
CA VAL B 69 -1.07 3.02 21.02
C VAL B 69 -2.12 4.12 21.11
N GLU B 70 -1.83 5.29 20.53
CA GLU B 70 -2.74 6.46 20.74
C GLU B 70 -4.07 6.28 20.05
N THR B 71 -4.15 5.69 18.84
CA THR B 71 -5.45 5.47 18.17
C THR B 71 -6.23 4.33 18.90
N HIS B 72 -5.56 3.31 19.44
CA HIS B 72 -6.30 2.33 20.21
C HIS B 72 -6.97 3.00 21.41
N GLU B 73 -6.20 3.78 22.17
CA GLU B 73 -6.72 4.46 23.37
C GLU B 73 -7.81 5.47 22.96
N ALA B 74 -7.59 6.17 21.85
CA ALA B 74 -8.59 7.18 21.43
C ALA B 74 -9.87 6.47 20.96
N TYR B 75 -9.76 5.29 20.35
CA TYR B 75 -11.03 4.57 20.00
C TYR B 75 -11.84 4.27 21.26
N LYS B 76 -11.16 3.79 22.29
CA LYS B 76 -11.84 3.35 23.49
C LYS B 76 -12.50 4.57 24.19
N GLN B 77 -11.79 5.70 24.17
CA GLN B 77 -12.19 6.90 24.87
C GLN B 77 -13.16 7.77 24.04
N ARG B 78 -13.32 7.44 22.75
CA ARG B 78 -14.12 8.24 21.80
C ARG B 78 -13.49 9.60 21.55
N SER B 79 -12.21 9.59 21.21
CA SER B 79 -11.53 10.82 20.98
C SER B 79 -10.82 10.74 19.63
N LEU B 80 -11.29 9.82 18.78
CA LEU B 80 -10.75 9.82 17.41
C LEU B 80 -11.34 10.93 16.56
N ALA B 81 -10.57 11.36 15.55
CA ALA B 81 -11.19 12.33 14.62
C ALA B 81 -12.46 11.76 13.96
N SER B 82 -13.42 12.64 13.74
CA SER B 82 -14.74 12.23 13.26
C SER B 82 -14.68 11.63 11.86
N ASP B 83 -13.70 11.96 11.04
CA ASP B 83 -13.71 11.30 9.72
C ASP B 83 -13.46 9.77 9.83
N ILE B 84 -12.64 9.38 10.81
CA ILE B 84 -12.38 7.96 11.02
C ILE B 84 -13.65 7.36 11.63
N THR B 85 -14.29 7.94 12.67
CA THR B 85 -15.49 7.24 13.19
C THR B 85 -16.64 7.24 12.20
N ASP B 86 -16.71 8.23 11.31
CA ASP B 86 -17.78 8.19 10.26
C ASP B 86 -17.58 6.93 9.39
N GLU B 87 -16.34 6.57 9.07
CA GLU B 87 -16.10 5.40 8.24
C GLU B 87 -16.35 4.15 9.07
N GLN B 88 -15.97 4.19 10.35
CA GLN B 88 -16.20 3.00 11.17
C GLN B 88 -17.67 2.69 11.28
N LYS B 89 -18.54 3.72 11.35
CA LYS B 89 -19.96 3.42 11.44
C LYS B 89 -20.46 2.70 10.16
N LYS B 90 -19.94 3.15 9.02
CA LYS B 90 -20.33 2.49 7.79
C LYS B 90 -19.90 1.02 7.76
N VAL B 91 -18.69 0.75 8.24
CA VAL B 91 -18.21 -0.62 8.24
C VAL B 91 -19.01 -1.42 9.23
N ARG B 92 -19.27 -0.84 10.41
CA ARG B 92 -19.98 -1.59 11.48
C ARG B 92 -21.35 -2.04 10.97
N GLU B 93 -22.02 -1.17 10.20
CA GLU B 93 -23.34 -1.52 9.71
C GLU B 93 -23.29 -2.47 8.52
N ALA B 94 -22.19 -2.50 7.77
CA ALA B 94 -22.20 -3.29 6.52
C ALA B 94 -22.15 -4.79 6.77
N ASP B 95 -22.86 -5.54 5.91
CA ASP B 95 -22.70 -7.00 5.79
C ASP B 95 -21.61 -7.35 4.81
N LEU B 96 -21.39 -6.51 3.80
CA LEU B 96 -20.36 -6.75 2.78
C LEU B 96 -19.65 -5.43 2.50
N VAL B 97 -18.34 -5.44 2.42
CA VAL B 97 -17.56 -4.24 2.05
C VAL B 97 -16.89 -4.59 0.74
N ILE B 98 -17.18 -3.79 -0.32
CA ILE B 98 -16.50 -3.97 -1.64
C ILE B 98 -15.53 -2.83 -1.76
N PHE B 99 -14.29 -3.15 -2.13
CA PHE B 99 -13.29 -2.10 -2.41
C PHE B 99 -13.15 -2.02 -3.92
N GLN B 100 -13.38 -0.81 -4.51
CA GLN B 100 -13.31 -0.69 -5.98
C GLN B 100 -12.15 0.26 -6.25
N PHE B 101 -11.15 -0.26 -6.96
CA PHE B 101 -9.96 0.56 -7.18
C PHE B 101 -9.11 0.07 -8.30
N PRO B 102 -8.34 1.03 -8.91
CA PRO B 102 -7.31 0.62 -9.88
C PRO B 102 -6.08 0.15 -9.06
N LEU B 103 -5.42 -0.90 -9.56
CA LEU B 103 -4.18 -1.34 -8.98
C LEU B 103 -3.09 -0.25 -9.14
N TYR B 104 -2.50 0.15 -7.99
CA TYR B 104 -1.36 1.11 -8.02
C TYR B 104 -0.16 0.38 -7.32
N TRP B 105 0.91 0.17 -8.08
CA TRP B 105 2.08 -0.54 -7.54
C TRP B 105 1.71 -1.82 -6.80
N PHE B 106 0.95 -2.65 -7.49
CA PHE B 106 0.56 -3.98 -6.98
C PHE B 106 -0.24 -3.92 -5.68
N SER B 107 -0.89 -2.79 -5.44
CA SER B 107 -1.62 -2.51 -4.19
C SER B 107 -2.71 -1.51 -4.42
N VAL B 108 -3.24 -0.97 -3.34
CA VAL B 108 -4.31 0.01 -3.42
C VAL B 108 -3.65 1.40 -3.59
N PRO B 109 -4.38 2.32 -4.23
CA PRO B 109 -3.92 3.73 -4.27
C PRO B 109 -3.72 4.22 -2.83
N ALA B 110 -2.76 5.15 -2.67
CA ALA B 110 -2.46 5.63 -1.28
C ALA B 110 -3.70 6.15 -0.58
N ILE B 111 -4.64 6.81 -1.28
CA ILE B 111 -5.77 7.29 -0.49
C ILE B 111 -6.55 6.18 0.21
N LEU B 112 -6.68 5.05 -0.52
CA LEU B 112 -7.33 3.86 0.04
C LEU B 112 -6.43 3.17 1.07
N LYS B 113 -5.11 3.17 0.82
CA LYS B 113 -4.24 2.61 1.87
C LYS B 113 -4.43 3.45 3.13
N GLY B 114 -4.64 4.77 3.01
CA GLY B 114 -4.82 5.53 4.26
C GLY B 114 -6.16 5.24 4.95
N TRP B 115 -7.20 4.97 4.18
CA TRP B 115 -8.45 4.52 4.81
C TRP B 115 -8.18 3.23 5.57
N MET B 116 -7.43 2.28 5.01
CA MET B 116 -7.17 1.05 5.79
CA MET B 116 -7.11 1.04 5.77
C MET B 116 -6.36 1.43 7.04
N ASP B 117 -5.32 2.21 6.87
CA ASP B 117 -4.46 2.52 8.01
C ASP B 117 -5.22 3.20 9.16
N ARG B 118 -6.06 4.17 8.81
CA ARG B 118 -6.66 5.02 9.83
C ARG B 118 -8.02 4.45 10.35
N VAL B 119 -8.79 3.76 9.48
CA VAL B 119 -10.12 3.32 9.87
C VAL B 119 -10.02 2.00 10.71
N LEU B 120 -9.12 1.09 10.29
CA LEU B 120 -9.13 -0.27 10.87
C LEU B 120 -8.20 -0.26 12.05
N CYS B 121 -8.53 0.52 13.09
CA CYS B 121 -7.66 0.61 14.24
C CYS B 121 -7.90 -0.51 15.30
N GLN B 122 -6.94 -0.62 16.23
CA GLN B 122 -7.05 -1.63 17.27
C GLN B 122 -8.21 -1.26 18.15
N GLY B 123 -8.98 -2.26 18.57
CA GLY B 123 -10.20 -1.93 19.33
C GLY B 123 -11.46 -1.95 18.43
N PHE B 124 -11.31 -1.44 17.19
CA PHE B 124 -12.43 -1.41 16.25
C PHE B 124 -12.37 -2.68 15.40
N ALA B 125 -11.27 -2.88 14.66
CA ALA B 125 -11.29 -3.92 13.65
C ALA B 125 -10.61 -5.20 14.17
N PHE B 126 -9.80 -5.11 15.20
CA PHE B 126 -9.14 -6.31 15.79
C PHE B 126 -8.69 -5.91 17.19
N ASP B 127 -8.32 -6.93 17.95
CA ASP B 127 -7.58 -6.61 19.18
CA ASP B 127 -7.71 -6.77 19.29
C ASP B 127 -6.48 -7.63 19.27
N ILE B 128 -5.58 -7.41 20.22
CA ILE B 128 -4.46 -8.35 20.39
C ILE B 128 -4.57 -8.89 21.81
N PRO B 129 -5.07 -10.15 21.97
CA PRO B 129 -5.61 -11.07 20.93
C PRO B 129 -6.99 -10.70 20.38
N GLY B 130 -7.35 -11.32 19.26
CA GLY B 130 -8.58 -11.00 18.57
C GLY B 130 -8.29 -10.62 17.13
N PHE B 131 -7.65 -11.53 16.40
CA PHE B 131 -7.32 -11.21 14.98
C PHE B 131 -7.37 -12.50 14.17
N TYR B 132 -7.21 -12.36 12.87
CA TYR B 132 -7.52 -13.44 11.90
C TYR B 132 -8.89 -14.03 12.22
N ASP B 133 -9.03 -15.33 12.42
CA ASP B 133 -10.41 -15.82 12.62
C ASP B 133 -11.13 -15.25 13.88
N SER B 134 -10.38 -14.64 14.81
CA SER B 134 -10.93 -14.00 15.98
C SER B 134 -11.03 -12.45 15.82
N GLY B 135 -10.81 -11.93 14.61
CA GLY B 135 -10.89 -10.49 14.42
C GLY B 135 -12.27 -9.95 14.65
N LEU B 136 -12.32 -8.62 14.88
CA LEU B 136 -13.57 -8.04 15.36
C LEU B 136 -14.60 -7.81 14.26
N LEU B 137 -14.22 -7.95 12.99
CA LEU B 137 -15.16 -7.79 11.91
C LEU B 137 -15.65 -9.17 11.42
N GLN B 138 -15.48 -10.19 12.26
CA GLN B 138 -16.05 -11.49 11.96
C GLN B 138 -17.55 -11.40 11.66
N GLY B 139 -17.97 -12.22 10.73
CA GLY B 139 -19.37 -12.19 10.31
C GLY B 139 -19.63 -11.35 9.06
N LYS B 140 -18.65 -10.51 8.73
CA LYS B 140 -18.74 -9.63 7.55
C LYS B 140 -17.99 -10.20 6.39
N LEU B 141 -18.46 -9.85 5.20
CA LEU B 141 -17.78 -10.24 3.97
C LEU B 141 -17.07 -9.10 3.35
N ALA B 142 -15.91 -9.35 2.72
CA ALA B 142 -15.24 -8.29 1.92
C ALA B 142 -14.88 -8.79 0.54
N LEU B 143 -14.68 -7.88 -0.42
CA LEU B 143 -14.42 -8.36 -1.81
C LEU B 143 -13.57 -7.23 -2.44
N LEU B 144 -12.42 -7.56 -3.08
CA LEU B 144 -11.64 -6.61 -3.81
C LEU B 144 -12.06 -6.61 -5.29
N SER B 145 -12.48 -5.49 -5.86
CA SER B 145 -12.77 -5.34 -7.25
C SER B 145 -11.71 -4.39 -7.83
N VAL B 146 -10.74 -5.00 -8.51
CA VAL B 146 -9.54 -4.31 -8.90
C VAL B 146 -9.47 -4.23 -10.43
N THR B 147 -8.90 -3.16 -10.97
CA THR B 147 -8.67 -3.03 -12.41
C THR B 147 -7.16 -2.88 -12.58
N THR B 148 -6.60 -3.39 -13.69
CA THR B 148 -5.16 -3.29 -13.93
C THR B 148 -4.76 -2.66 -15.20
N GLY B 149 -3.52 -2.18 -15.24
CA GLY B 149 -2.93 -1.84 -16.57
C GLY B 149 -2.43 -3.11 -17.31
N GLY B 150 -1.79 -4.03 -16.53
CA GLY B 150 -1.23 -5.29 -17.06
C GLY B 150 -2.32 -6.26 -17.56
N THR B 151 -1.99 -7.03 -18.59
CA THR B 151 -3.01 -7.97 -19.12
C THR B 151 -3.07 -9.20 -18.20
N ALA B 152 -4.11 -10.05 -18.37
CA ALA B 152 -4.19 -11.30 -17.60
C ALA B 152 -2.96 -12.19 -17.86
N GLU B 153 -2.47 -12.28 -19.12
CA GLU B 153 -1.26 -13.04 -19.46
C GLU B 153 -0.04 -12.58 -18.66
N MET B 154 0.07 -11.26 -18.46
CA MET B 154 1.21 -10.73 -17.68
C MET B 154 1.10 -11.13 -16.19
N TYR B 155 -0.13 -11.27 -15.69
CA TYR B 155 -0.43 -11.72 -14.30
C TYR B 155 -0.66 -13.23 -14.18
N THR B 156 0.31 -13.97 -14.68
CA THR B 156 0.30 -15.46 -14.58
C THR B 156 1.60 -15.82 -13.92
N LYS B 157 1.70 -17.06 -13.41
CA LYS B 157 2.87 -17.48 -12.69
C LYS B 157 4.15 -17.36 -13.56
N THR B 158 4.09 -17.64 -14.87
CA THR B 158 5.28 -17.44 -15.67
C THR B 158 5.35 -16.09 -16.40
N GLY B 159 4.36 -15.21 -16.21
CA GLY B 159 4.35 -13.90 -16.88
C GLY B 159 5.13 -12.86 -16.07
N VAL B 160 5.36 -11.68 -16.63
CA VAL B 160 6.30 -10.69 -16.04
C VAL B 160 5.88 -10.22 -14.66
N ASN B 161 4.58 -10.19 -14.42
CA ASN B 161 4.06 -9.68 -13.16
C ASN B 161 3.89 -10.76 -12.10
N GLY B 162 3.97 -12.04 -12.50
CA GLY B 162 3.61 -13.10 -11.52
C GLY B 162 2.11 -13.26 -11.47
N ASP B 163 1.68 -14.34 -10.83
CA ASP B 163 0.25 -14.56 -10.77
C ASP B 163 -0.48 -13.44 -10.04
N SER B 164 -1.73 -13.14 -10.45
CA SER B 164 -2.49 -12.10 -9.78
C SER B 164 -2.68 -12.33 -8.28
N ARG B 165 -2.83 -13.62 -7.91
CA ARG B 165 -3.09 -13.86 -6.49
C ARG B 165 -1.89 -13.45 -5.60
N TYR B 166 -0.67 -13.41 -6.17
CA TYR B 166 0.48 -13.03 -5.37
C TYR B 166 0.31 -11.61 -4.78
N PHE B 167 -0.22 -10.69 -5.60
CA PHE B 167 -0.36 -9.31 -5.02
C PHE B 167 -1.51 -9.17 -4.10
N LEU B 168 -2.42 -10.12 -4.14
CA LEU B 168 -3.59 -10.00 -3.27
C LEU B 168 -3.25 -10.30 -1.83
N TRP B 169 -2.15 -10.98 -1.53
CA TRP B 169 -1.89 -11.43 -0.18
C TRP B 169 -1.90 -10.36 0.95
N PRO B 170 -1.23 -9.17 0.78
CA PRO B 170 -1.25 -8.21 1.89
C PRO B 170 -2.65 -7.66 2.11
N LEU B 171 -3.48 -7.63 1.07
CA LEU B 171 -4.84 -7.08 1.16
C LEU B 171 -5.83 -8.12 1.69
N GLN B 172 -5.86 -9.28 1.03
CA GLN B 172 -6.87 -10.25 1.48
C GLN B 172 -6.44 -10.88 2.76
N HIS B 173 -5.17 -11.29 2.91
CA HIS B 173 -4.79 -12.00 4.12
C HIS B 173 -4.36 -11.01 5.23
N GLY B 174 -3.34 -10.16 4.90
CA GLY B 174 -2.72 -9.30 5.93
C GLY B 174 -3.73 -8.25 6.47
N THR B 175 -4.74 -7.86 5.67
CA THR B 175 -5.67 -6.80 6.13
C THR B 175 -7.06 -7.39 6.37
N LEU B 176 -7.73 -7.93 5.33
CA LEU B 176 -9.15 -8.28 5.51
C LEU B 176 -9.27 -9.49 6.44
N HIS B 177 -8.56 -10.60 6.20
CA HIS B 177 -8.68 -11.75 7.07
C HIS B 177 -8.20 -11.38 8.47
N PHE B 178 -7.13 -10.58 8.59
CA PHE B 178 -6.64 -10.22 9.93
C PHE B 178 -7.72 -9.56 10.76
N CYS B 179 -8.60 -8.77 10.10
CA CYS B 179 -9.73 -8.10 10.82
C CYS B 179 -10.93 -9.01 11.00
N GLY B 180 -10.81 -10.28 10.58
CA GLY B 180 -11.93 -11.22 10.74
C GLY B 180 -12.91 -11.31 9.58
N PHE B 181 -12.71 -10.51 8.51
CA PHE B 181 -13.60 -10.75 7.36
C PHE B 181 -13.42 -12.13 6.73
N LYS B 182 -14.53 -12.65 6.22
CA LYS B 182 -14.46 -13.72 5.22
C LYS B 182 -14.31 -13.03 3.88
N VAL B 183 -13.44 -13.51 3.02
CA VAL B 183 -13.08 -12.78 1.80
C VAL B 183 -13.71 -13.50 0.62
N LEU B 184 -14.59 -12.83 -0.15
CA LEU B 184 -15.09 -13.41 -1.41
C LEU B 184 -14.02 -13.32 -2.50
N ALA B 185 -14.14 -14.16 -3.52
CA ALA B 185 -13.12 -14.14 -4.60
C ALA B 185 -13.01 -12.77 -5.25
N PRO B 186 -11.77 -12.33 -5.58
CA PRO B 186 -11.63 -11.00 -6.10
C PRO B 186 -12.27 -10.93 -7.46
N GLN B 187 -12.67 -9.73 -7.83
CA GLN B 187 -13.08 -9.40 -9.17
C GLN B 187 -11.90 -8.69 -9.77
N ILE B 188 -11.26 -9.31 -10.78
CA ILE B 188 -10.11 -8.56 -11.44
C ILE B 188 -10.50 -8.26 -12.86
N SER B 189 -10.59 -6.96 -13.18
CA SER B 189 -10.89 -6.56 -14.53
C SER B 189 -9.58 -6.14 -15.18
N PHE B 190 -9.06 -7.00 -16.04
CA PHE B 190 -7.74 -6.77 -16.60
C PHE B 190 -7.74 -5.75 -17.77
N ALA B 191 -6.79 -4.81 -17.72
CA ALA B 191 -6.40 -4.00 -18.93
C ALA B 191 -7.54 -3.33 -19.70
N PRO B 192 -8.44 -2.65 -18.97
CA PRO B 192 -9.57 -2.06 -19.70
C PRO B 192 -9.08 -1.01 -20.77
N GLU B 193 -7.94 -0.34 -20.53
CA GLU B 193 -7.51 0.70 -21.48
C GLU B 193 -7.16 0.10 -22.81
N ILE B 194 -6.47 -1.05 -22.78
CA ILE B 194 -6.13 -1.90 -23.99
C ILE B 194 -7.39 -2.45 -24.70
N ALA B 195 -8.42 -2.79 -23.91
CA ALA B 195 -9.56 -3.56 -24.44
C ALA B 195 -10.38 -2.71 -25.40
N SER B 196 -11.16 -3.35 -26.29
CA SER B 196 -12.17 -2.60 -27.09
C SER B 196 -13.34 -2.03 -26.23
N GLU B 197 -14.15 -1.16 -26.83
CA GLU B 197 -15.35 -0.63 -26.12
C GLU B 197 -16.31 -1.79 -25.77
N GLU B 198 -16.41 -2.75 -26.71
CA GLU B 198 -17.18 -3.97 -26.53
C GLU B 198 -16.63 -4.81 -25.37
N GLU B 199 -15.31 -5.04 -25.35
CA GLU B 199 -14.72 -5.81 -24.24
C GLU B 199 -14.87 -5.10 -22.90
N ARG B 200 -14.73 -3.77 -22.86
CA ARG B 200 -15.00 -3.05 -21.62
C ARG B 200 -16.44 -3.21 -21.16
N LYS B 201 -17.39 -3.03 -22.09
CA LYS B 201 -18.81 -3.26 -21.75
C LYS B 201 -19.02 -4.67 -21.20
N GLY B 202 -18.34 -5.67 -21.81
CA GLY B 202 -18.42 -7.07 -21.36
C GLY B 202 -17.90 -7.24 -19.92
N MET B 203 -16.84 -6.52 -19.57
CA MET B 203 -16.31 -6.66 -18.20
C MET B 203 -17.25 -6.03 -17.17
N VAL B 204 -17.89 -4.91 -17.56
CA VAL B 204 -18.83 -4.24 -16.64
C VAL B 204 -20.01 -5.19 -16.43
N ALA B 205 -20.52 -5.72 -17.53
CA ALA B 205 -21.65 -6.65 -17.46
C ALA B 205 -21.31 -7.92 -16.67
N ALA B 206 -20.09 -8.47 -16.80
CA ALA B 206 -19.71 -9.68 -16.02
C ALA B 206 -19.76 -9.41 -14.51
N TRP B 207 -19.35 -8.23 -14.08
CA TRP B 207 -19.43 -7.80 -12.67
C TRP B 207 -20.86 -7.67 -12.27
N SER B 208 -21.67 -6.96 -13.07
CA SER B 208 -23.13 -6.85 -12.75
C SER B 208 -23.76 -8.26 -12.56
N GLN B 209 -23.48 -9.16 -13.51
CA GLN B 209 -24.01 -10.51 -13.54
C GLN B 209 -23.53 -11.26 -12.30
N ARG B 210 -22.26 -11.14 -11.93
CA ARG B 210 -21.79 -11.82 -10.73
C ARG B 210 -22.54 -11.32 -9.47
N LEU B 211 -22.75 -10.01 -9.42
CA LEU B 211 -23.43 -9.42 -8.26
C LEU B 211 -24.84 -9.95 -8.09
N GLN B 212 -25.49 -10.39 -9.19
CA GLN B 212 -26.84 -10.94 -9.11
C GLN B 212 -26.89 -12.11 -8.11
N THR B 213 -25.81 -12.91 -8.01
CA THR B 213 -25.80 -14.06 -7.12
C THR B 213 -24.71 -13.95 -6.06
N ILE B 214 -24.31 -12.72 -5.69
CA ILE B 214 -23.20 -12.59 -4.75
C ILE B 214 -23.45 -13.23 -3.37
N TRP B 215 -24.71 -13.21 -2.93
CA TRP B 215 -25.04 -13.65 -1.56
C TRP B 215 -25.06 -15.16 -1.49
N LYS B 216 -24.96 -15.83 -2.65
CA LYS B 216 -24.90 -17.32 -2.64
C LYS B 216 -23.44 -17.78 -2.59
N GLU B 217 -22.50 -16.91 -2.81
CA GLU B 217 -21.05 -17.35 -2.90
C GLU B 217 -20.53 -17.77 -1.55
N GLU B 218 -19.56 -18.71 -1.52
CA GLU B 218 -18.75 -18.98 -0.34
C GLU B 218 -17.46 -18.17 -0.43
N PRO B 219 -16.87 -17.86 0.72
CA PRO B 219 -15.56 -17.20 0.71
C PRO B 219 -14.45 -18.09 0.20
N ILE B 220 -13.35 -17.46 -0.19
CA ILE B 220 -12.18 -18.27 -0.53
C ILE B 220 -11.54 -18.77 0.76
N PRO B 221 -10.67 -19.81 0.65
CA PRO B 221 -9.84 -20.21 1.78
C PRO B 221 -8.67 -19.25 1.77
N CYS B 222 -8.71 -18.25 2.64
CA CYS B 222 -7.67 -17.18 2.57
C CYS B 222 -6.37 -17.65 3.25
N THR B 223 -5.66 -18.50 2.51
CA THR B 223 -4.51 -19.16 3.02
C THR B 223 -3.32 -18.93 2.14
N ALA B 224 -2.10 -19.24 2.65
CA ALA B 224 -0.91 -19.15 1.79
C ALA B 224 -1.06 -20.15 0.62
N HIS B 225 -1.62 -21.34 0.83
CA HIS B 225 -1.73 -22.25 -0.29
C HIS B 225 -2.63 -21.64 -1.44
N TRP B 226 -3.78 -21.05 -1.07
CA TRP B 226 -4.65 -20.48 -2.09
C TRP B 226 -3.88 -19.38 -2.88
N HIS B 227 -3.08 -18.58 -2.18
CA HIS B 227 -2.40 -17.42 -2.90
C HIS B 227 -1.17 -17.90 -3.70
N PHE B 228 -0.42 -18.87 -3.16
CA PHE B 228 0.90 -19.24 -3.69
C PHE B 228 1.07 -20.61 -4.24
N GLY B 229 0.15 -21.50 -3.92
CA GLY B 229 0.20 -22.94 -4.39
C GLY B 229 1.25 -23.83 -3.78
N GLN B 230 1.45 -24.95 -4.47
CA GLN B 230 2.35 -26.11 -4.18
C GLN B 230 1.78 -27.22 -3.20
#